data_1LMV
#
_entry.id   1LMV
#
loop_
_entity.id
_entity.type
_entity.pdbx_description
1 polymer "5'-R(*GP*GP*UP*GP*UP*AP*GP*UP*A)-3'"
2 polymer "5'-R(*UP*AP*CP*UP*AP*AP*CP*AP*CP*C)-3'"
#
loop_
_entity_poly.entity_id
_entity_poly.type
_entity_poly.pdbx_seq_one_letter_code
_entity_poly.pdbx_strand_id
1 'polyribonucleotide' GGUGUAGUA A
2 'polyribonucleotide' UACUAACACC B
#
loop_
_chem_comp.id
_chem_comp.type
_chem_comp.name
_chem_comp.formula
A RNA linking ADENOSINE-5'-MONOPHOSPHATE 'C10 H14 N5 O7 P'
C RNA linking CYTIDINE-5'-MONOPHOSPHATE 'C9 H14 N3 O8 P'
G RNA linking GUANOSINE-5'-MONOPHOSPHATE 'C10 H14 N5 O8 P'
U RNA linking URIDINE-5'-MONOPHOSPHATE 'C9 H13 N2 O9 P'
#